data_3ZFC
#
_entry.id   3ZFC
#
_cell.length_a   61.952
_cell.length_b   61.952
_cell.length_c   166.367
_cell.angle_alpha   90.00
_cell.angle_beta   90.00
_cell.angle_gamma   90.00
#
_symmetry.space_group_name_H-M   'P 41 21 2'
#
loop_
_entity.id
_entity.type
_entity.pdbx_description
1 polymer 'CHROMOSOME-ASSOCIATED KINESIN KIF4'
2 non-polymer 'MAGNESIUM ION'
3 non-polymer 'PHOSPHOAMINOPHOSPHONIC ACID-ADENYLATE ESTER'
4 water water
#
_entity_poly.entity_id   1
_entity_poly.type   'polypeptide(L)'
_entity_poly.pdbx_seq_one_letter_code
;MKEEVKGIPVRVALRCRPLVSKEIKEGCQTCLSFVPGEPQVVVGNDKSFTYDFVFDPSTEQEEVFNTAVAPLIKGVFKGY
NATVLAYGQTGSGKTYSMGGAYTAEQEHDSAIGVIPRVIQLLFKEINKKSDFEFTLKVSYLEIYNEEILDLLCSSREKAT
QINIREDPKEGIKIVGLTEKTVLVASDTVSCLEQGNNSRTVASTAMNSQSSRSHAIFTISIEQRKKNDKNSSFRSKLHLV
DLAGSERQKKTKAEGDRLREGININRGLLCLGNVISALGDDKKGNFVPYRDSKLTRLLQDSLGGNSHTLMIACVSPADSN
LEETLNTLRYADRARKIKNKPIINHHHHHH
;
_entity_poly.pdbx_strand_id   A
#
loop_
_chem_comp.id
_chem_comp.type
_chem_comp.name
_chem_comp.formula
ANP non-polymer 'PHOSPHOAMINOPHOSPHONIC ACID-ADENYLATE ESTER' 'C10 H17 N6 O12 P3'
MG non-polymer 'MAGNESIUM ION' 'Mg 2'
#
# COMPACT_ATOMS: atom_id res chain seq x y z
N VAL A 5 19.32 2.37 -15.32
CA VAL A 5 18.07 3.07 -14.91
C VAL A 5 18.43 4.47 -14.42
N LYS A 6 17.75 5.46 -15.00
CA LYS A 6 17.96 6.86 -14.66
C LYS A 6 16.80 7.32 -13.77
N GLY A 7 17.08 8.18 -12.78
CA GLY A 7 16.01 8.82 -11.99
C GLY A 7 15.61 8.02 -10.77
N ILE A 8 14.34 8.17 -10.39
CA ILE A 8 13.82 7.63 -9.12
C ILE A 8 12.63 6.73 -9.41
N PRO A 9 12.91 5.45 -9.61
CA PRO A 9 11.81 4.56 -9.93
C PRO A 9 10.98 4.17 -8.72
N VAL A 10 9.76 3.74 -9.01
CA VAL A 10 8.99 3.01 -8.03
C VAL A 10 9.77 1.76 -7.67
N ARG A 11 9.88 1.51 -6.37
CA ARG A 11 10.59 0.33 -5.91
C ARG A 11 9.58 -0.73 -5.59
N VAL A 12 9.98 -1.98 -5.79
CA VAL A 12 9.05 -3.14 -5.68
C VAL A 12 9.69 -4.25 -4.86
N ALA A 13 9.00 -4.65 -3.80
CA ALA A 13 9.31 -5.82 -3.00
C ALA A 13 8.29 -6.87 -3.32
N LEU A 14 8.75 -8.03 -3.75
CA LEU A 14 7.86 -9.15 -3.98
C LEU A 14 7.82 -9.97 -2.70
N ARG A 15 6.63 -10.14 -2.15
CA ARG A 15 6.47 -10.94 -0.96
C ARG A 15 5.60 -12.14 -1.21
N CYS A 16 6.23 -13.32 -1.08
CA CYS A 16 5.50 -14.56 -1.20
C CYS A 16 5.20 -15.07 0.19
N ARG A 17 3.93 -15.31 0.47
CA ARG A 17 3.51 -15.84 1.74
C ARG A 17 3.64 -17.37 1.70
N PRO A 18 3.56 -18.02 2.87
CA PRO A 18 3.46 -19.48 2.83
C PRO A 18 2.18 -19.99 2.26
N LEU A 19 2.18 -21.26 1.86
CA LEU A 19 0.93 -21.94 1.56
C LEU A 19 -0.05 -21.76 2.74
N VAL A 20 -1.30 -21.59 2.41
CA VAL A 20 -2.35 -21.46 3.41
C VAL A 20 -3.21 -22.74 3.43
N SER A 21 -4.11 -22.84 4.41
CA SER A 21 -4.90 -24.07 4.63
C SER A 21 -5.69 -24.54 3.43
N LYS A 22 -6.29 -23.58 2.73
CA LYS A 22 -7.09 -23.90 1.55
C LYS A 22 -6.25 -24.60 0.49
N GLU A 23 -5.03 -24.10 0.32
CA GLU A 23 -4.12 -24.62 -0.70
C GLU A 23 -3.58 -26.02 -0.33
N ILE A 24 -3.34 -26.22 0.96
CA ILE A 24 -2.88 -27.52 1.44
C ILE A 24 -4.01 -28.53 1.29
N LYS A 25 -5.22 -28.14 1.69
CA LYS A 25 -6.41 -28.99 1.52
C LYS A 25 -6.64 -29.41 0.07
N GLU A 26 -6.44 -28.49 -0.86
CA GLU A 26 -6.64 -28.78 -2.28
C GLU A 26 -5.48 -29.52 -2.97
N GLY A 27 -4.42 -29.79 -2.22
CA GLY A 27 -3.28 -30.56 -2.72
C GLY A 27 -2.32 -29.79 -3.59
N CYS A 28 -2.23 -28.48 -3.40
CA CYS A 28 -1.38 -27.62 -4.23
C CYS A 28 0.08 -27.87 -3.92
N GLN A 29 0.90 -27.81 -4.96
CA GLN A 29 2.36 -27.78 -4.84
C GLN A 29 2.78 -26.31 -5.00
N THR A 30 3.95 -25.96 -4.45
CA THR A 30 4.54 -24.60 -4.56
C THR A 30 5.05 -24.42 -6.00
N CYS A 31 4.67 -23.34 -6.70
CA CYS A 31 5.08 -23.10 -8.09
C CYS A 31 6.13 -21.99 -8.24
N LEU A 32 6.54 -21.41 -7.12
CA LEU A 32 7.54 -20.33 -7.11
C LEU A 32 8.78 -20.83 -6.42
N SER A 33 9.95 -20.49 -6.95
CA SER A 33 11.19 -20.74 -6.24
C SER A 33 12.03 -19.46 -6.21
N PHE A 34 13.04 -19.47 -5.34
CA PHE A 34 13.82 -18.27 -5.03
C PHE A 34 15.29 -18.55 -5.23
N VAL A 35 16.05 -17.49 -5.52
CA VAL A 35 17.49 -17.59 -5.77
C VAL A 35 18.18 -16.92 -4.59
N PRO A 36 18.79 -17.69 -3.66
CA PRO A 36 19.21 -17.15 -2.37
C PRO A 36 20.21 -15.99 -2.47
N GLY A 37 20.03 -14.96 -1.66
CA GLY A 37 20.80 -13.71 -1.78
C GLY A 37 20.61 -12.82 -3.03
N GLU A 38 19.70 -13.18 -3.93
CA GLU A 38 19.42 -12.34 -5.11
C GLU A 38 17.92 -12.02 -5.15
N PRO A 39 17.54 -10.81 -5.62
CA PRO A 39 16.13 -10.41 -5.64
C PRO A 39 15.44 -10.95 -6.89
N GLN A 40 15.41 -12.26 -7.01
CA GLN A 40 14.83 -12.94 -8.16
C GLN A 40 13.88 -14.02 -7.71
N VAL A 41 12.88 -14.25 -8.53
CA VAL A 41 11.91 -15.32 -8.32
C VAL A 41 11.72 -16.03 -9.66
N VAL A 42 11.57 -17.35 -9.59
CA VAL A 42 11.28 -18.18 -10.76
C VAL A 42 9.90 -18.79 -10.59
N VAL A 43 9.10 -18.69 -11.65
CA VAL A 43 7.66 -19.03 -11.62
C VAL A 43 7.33 -20.07 -12.65
N GLY A 44 6.45 -21.01 -12.27
CA GLY A 44 6.12 -22.14 -13.13
C GLY A 44 7.42 -22.81 -13.54
N ASN A 45 8.39 -22.81 -12.63
CA ASN A 45 9.75 -23.34 -12.85
C ASN A 45 10.41 -23.01 -14.24
N ASP A 46 9.97 -21.91 -14.87
CA ASP A 46 10.34 -21.51 -16.24
C ASP A 46 10.69 -20.01 -16.42
N LYS A 47 9.87 -19.11 -15.87
CA LYS A 47 10.00 -17.68 -16.11
C LYS A 47 10.56 -17.02 -14.86
N SER A 48 11.52 -16.10 -15.04
CA SER A 48 12.15 -15.50 -13.89
C SER A 48 11.88 -13.99 -13.90
N PHE A 49 11.66 -13.43 -12.72
CA PHE A 49 11.45 -12.00 -12.58
C PHE A 49 12.45 -11.44 -11.57
N THR A 50 12.84 -10.18 -11.74
CA THR A 50 13.74 -9.51 -10.81
C THR A 50 13.07 -8.26 -10.24
N TYR A 51 13.21 -8.07 -8.93
CA TYR A 51 12.64 -6.91 -8.26
C TYR A 51 13.70 -6.22 -7.41
N ASP A 52 13.31 -5.21 -6.66
CA ASP A 52 14.28 -4.53 -5.79
C ASP A 52 14.52 -5.35 -4.52
N PHE A 53 13.46 -6.03 -4.05
CA PHE A 53 13.55 -6.99 -2.95
C PHE A 53 12.68 -8.18 -3.29
N VAL A 54 13.12 -9.37 -2.85
CA VAL A 54 12.27 -10.55 -2.90
C VAL A 54 12.29 -11.20 -1.54
N PHE A 55 11.09 -11.36 -0.97
CA PHE A 55 10.93 -11.95 0.33
C PHE A 55 10.17 -13.28 0.23
N ASP A 56 10.89 -14.37 0.51
CA ASP A 56 10.28 -15.70 0.43
C ASP A 56 9.34 -15.96 1.64
N PRO A 57 8.62 -17.09 1.62
CA PRO A 57 7.67 -17.38 2.69
C PRO A 57 8.22 -17.39 4.13
N SER A 58 9.51 -17.53 4.32
CA SER A 58 10.04 -17.53 5.68
C SER A 58 10.28 -16.12 6.24
N THR A 59 10.14 -15.10 5.40
CA THR A 59 10.53 -13.75 5.76
C THR A 59 9.54 -13.18 6.75
N GLU A 60 10.05 -12.84 7.93
CA GLU A 60 9.24 -12.28 8.99
C GLU A 60 8.84 -10.82 8.72
N GLN A 61 7.77 -10.39 9.37
CA GLN A 61 7.30 -9.00 9.24
C GLN A 61 8.42 -7.98 9.53
N GLU A 62 9.18 -8.22 10.58
CA GLU A 62 10.25 -7.30 10.94
C GLU A 62 11.29 -7.13 9.86
N GLU A 63 11.60 -8.21 9.14
CA GLU A 63 12.59 -8.16 8.06
C GLU A 63 12.05 -7.41 6.85
N VAL A 64 10.80 -7.68 6.49
CA VAL A 64 10.18 -6.92 5.41
C VAL A 64 10.26 -5.44 5.74
N PHE A 65 9.88 -5.08 6.96
CA PHE A 65 9.89 -3.67 7.34
C PHE A 65 11.29 -3.04 7.35
N ASN A 66 12.21 -3.68 8.05
CA ASN A 66 13.56 -3.13 8.21
C ASN A 66 14.33 -3.04 6.91
N THR A 67 14.14 -4.00 6.02
CA THR A 67 14.88 -4.02 4.75
C THR A 67 14.31 -3.10 3.68
N ALA A 68 13.00 -3.14 3.49
CA ALA A 68 12.34 -2.42 2.39
C ALA A 68 11.64 -1.13 2.77
N VAL A 69 11.07 -1.05 3.98
CA VAL A 69 10.17 0.04 4.33
C VAL A 69 10.89 1.15 5.14
N ALA A 70 11.64 0.76 6.16
CA ALA A 70 12.27 1.72 7.07
C ALA A 70 13.07 2.82 6.40
N PRO A 71 13.90 2.47 5.40
CA PRO A 71 14.66 3.51 4.69
C PRO A 71 13.80 4.55 4.02
N LEU A 72 12.65 4.11 3.50
CA LEU A 72 11.66 5.00 2.93
C LEU A 72 11.03 5.93 3.95
N ILE A 73 10.65 5.39 5.10
CA ILE A 73 10.02 6.16 6.15
C ILE A 73 11.00 7.22 6.67
N LYS A 74 12.26 6.85 6.84
CA LYS A 74 13.24 7.83 7.26
C LYS A 74 13.35 9.03 6.29
N GLY A 75 13.05 8.79 5.02
CA GLY A 75 13.02 9.87 4.00
C GLY A 75 11.97 10.93 4.26
N VAL A 76 10.89 10.62 4.97
CA VAL A 76 9.91 11.65 5.28
C VAL A 76 10.53 12.74 6.16
N PHE A 77 11.51 12.37 6.98
CA PHE A 77 12.18 13.36 7.79
C PHE A 77 13.11 14.30 7.03
N LYS A 78 13.42 13.97 5.78
CA LYS A 78 14.06 14.90 4.85
C LYS A 78 13.06 15.85 4.15
N GLY A 79 11.76 15.57 4.28
CA GLY A 79 10.70 16.42 3.73
C GLY A 79 10.02 15.81 2.53
N TYR A 80 10.22 14.50 2.31
CA TYR A 80 9.61 13.83 1.15
C TYR A 80 8.24 13.30 1.50
N ASN A 81 7.39 13.23 0.48
CA ASN A 81 6.21 12.36 0.52
C ASN A 81 6.64 10.91 0.26
N ALA A 82 5.91 9.96 0.85
CA ALA A 82 6.19 8.57 0.57
C ALA A 82 4.91 7.75 0.58
N THR A 83 4.96 6.63 -0.13
CA THR A 83 3.81 5.76 -0.21
C THR A 83 4.30 4.32 -0.11
N VAL A 84 3.56 3.51 0.65
CA VAL A 84 3.72 2.07 0.61
C VAL A 84 2.37 1.50 0.24
N LEU A 85 2.33 0.69 -0.81
CA LEU A 85 1.07 0.10 -1.19
C LEU A 85 1.24 -1.38 -1.48
N ALA A 86 0.26 -2.14 -1.02
CA ALA A 86 0.27 -3.60 -1.19
C ALA A 86 -0.75 -3.97 -2.24
N TYR A 87 -0.36 -4.90 -3.11
CA TYR A 87 -0.97 -5.18 -4.41
C TYR A 87 -0.86 -6.67 -4.66
N GLY A 88 -1.97 -7.31 -5.01
CA GLY A 88 -1.98 -8.76 -5.32
C GLY A 88 -3.37 -9.37 -5.21
N GLN A 89 -3.46 -10.66 -5.59
CA GLN A 89 -4.70 -11.43 -5.61
C GLN A 89 -5.35 -11.47 -4.21
N THR A 90 -6.67 -11.59 -4.16
CA THR A 90 -7.32 -11.92 -2.89
C THR A 90 -6.57 -13.09 -2.18
N GLY A 91 -6.35 -12.92 -0.88
CA GLY A 91 -5.75 -13.95 -0.06
C GLY A 91 -4.23 -13.98 -0.12
N SER A 92 -3.62 -13.11 -0.91
CA SER A 92 -2.18 -13.15 -1.09
C SER A 92 -1.34 -12.62 0.09
N GLY A 93 -1.94 -11.78 0.93
CA GLY A 93 -1.29 -11.21 2.12
C GLY A 93 -1.07 -9.70 2.22
N LYS A 94 -1.89 -8.92 1.50
CA LYS A 94 -1.78 -7.46 1.51
C LYS A 94 -2.11 -6.93 2.92
N THR A 95 -3.26 -7.31 3.42
CA THR A 95 -3.74 -6.81 4.74
C THR A 95 -2.78 -7.28 5.84
N TYR A 96 -2.43 -8.57 5.81
CA TYR A 96 -1.42 -9.11 6.70
C TYR A 96 -0.12 -8.30 6.67
N SER A 97 0.39 -8.04 5.46
CA SER A 97 1.65 -7.34 5.31
C SER A 97 1.57 -5.88 5.78
N MET A 98 0.41 -5.25 5.54
CA MET A 98 0.26 -3.84 5.85
C MET A 98 -0.19 -3.57 7.30
N GLY A 99 -0.66 -4.59 8.01
CA GLY A 99 -1.39 -4.36 9.25
C GLY A 99 -2.74 -3.69 9.02
N GLY A 100 -3.38 -3.97 7.87
CA GLY A 100 -4.68 -3.42 7.57
C GLY A 100 -5.83 -3.89 8.43
N ALA A 101 -5.61 -4.93 9.23
CA ALA A 101 -6.62 -5.39 10.17
C ALA A 101 -6.09 -5.36 11.60
N TYR A 102 -4.97 -4.66 11.80
CA TYR A 102 -4.41 -4.52 13.14
C TYR A 102 -5.48 -4.07 14.13
N THR A 103 -5.47 -4.71 15.30
CA THR A 103 -6.18 -4.23 16.48
C THR A 103 -5.18 -4.25 17.63
N ALA A 104 -5.52 -3.59 18.72
CA ALA A 104 -4.66 -3.48 19.91
C ALA A 104 -4.29 -4.83 20.51
N GLU A 105 -5.08 -5.87 20.20
CA GLU A 105 -4.68 -7.24 20.54
C GLU A 105 -3.26 -7.60 20.03
N GLN A 106 -2.83 -6.98 18.95
CA GLN A 106 -1.58 -7.35 18.34
C GLN A 106 -0.40 -6.55 18.85
N GLU A 107 -0.61 -5.61 19.74
CA GLU A 107 0.48 -4.83 20.27
C GLU A 107 1.53 -5.76 20.94
N HIS A 108 2.80 -5.53 20.60
CA HIS A 108 3.95 -6.38 21.00
C HIS A 108 4.01 -7.78 20.40
N ASP A 109 3.14 -8.06 19.44
CA ASP A 109 3.15 -9.34 18.73
C ASP A 109 4.10 -9.16 17.55
N SER A 110 5.03 -10.08 17.35
CA SER A 110 5.99 -9.96 16.22
C SER A 110 5.32 -10.06 14.84
N ALA A 111 4.05 -10.48 14.80
CA ALA A 111 3.26 -10.59 13.57
C ALA A 111 2.72 -9.25 13.03
N ILE A 112 2.93 -8.15 13.75
CA ILE A 112 2.39 -6.85 13.32
C ILE A 112 3.06 -6.48 12.01
N GLY A 113 2.30 -5.81 11.15
CA GLY A 113 2.75 -5.42 9.83
C GLY A 113 3.17 -3.97 9.71
N VAL A 114 3.11 -3.46 8.50
CA VAL A 114 3.77 -2.22 8.15
C VAL A 114 3.25 -1.01 8.90
N ILE A 115 1.95 -0.79 8.92
CA ILE A 115 1.44 0.49 9.44
C ILE A 115 1.77 0.67 10.94
N PRO A 116 1.52 -0.35 11.76
CA PRO A 116 1.96 -0.15 13.18
C PRO A 116 3.47 0.07 13.36
N ARG A 117 4.27 -0.61 12.54
CA ARG A 117 5.70 -0.43 12.55
C ARG A 117 6.15 0.97 12.11
N VAL A 118 5.49 1.50 11.10
CA VAL A 118 5.75 2.87 10.67
C VAL A 118 5.51 3.86 11.80
N ILE A 119 4.37 3.71 12.46
CA ILE A 119 4.02 4.59 13.58
C ILE A 119 5.07 4.52 14.70
N GLN A 120 5.50 3.34 15.09
CA GLN A 120 6.60 3.18 16.04
C GLN A 120 7.88 3.90 15.62
N LEU A 121 8.28 3.71 14.36
CA LEU A 121 9.49 4.34 13.83
C LEU A 121 9.40 5.88 13.78
N LEU A 122 8.25 6.41 13.37
CA LEU A 122 8.07 7.84 13.28
C LEU A 122 8.34 8.48 14.64
N PHE A 123 7.74 7.94 15.69
CA PHE A 123 7.97 8.51 17.02
C PHE A 123 9.37 8.27 17.58
N LYS A 124 10.00 7.16 17.22
CA LYS A 124 11.42 6.96 17.53
C LYS A 124 12.31 8.04 16.89
N GLU A 125 12.06 8.36 15.62
CA GLU A 125 12.82 9.39 14.92
C GLU A 125 12.51 10.78 15.46
N ILE A 126 11.24 11.05 15.76
CA ILE A 126 10.82 12.35 16.32
C ILE A 126 11.54 12.58 17.66
N ASN A 127 11.60 11.52 18.47
CA ASN A 127 12.29 11.58 19.76
C ASN A 127 13.77 11.95 19.60
N LYS A 128 14.40 11.56 18.49
CA LYS A 128 15.82 11.85 18.25
C LYS A 128 16.06 13.18 17.51
N LYS A 129 14.98 13.83 17.07
CA LYS A 129 15.11 15.08 16.33
C LYS A 129 14.73 16.25 17.24
N SER A 130 15.42 16.31 18.39
CA SER A 130 15.18 17.28 19.47
C SER A 130 15.17 18.74 19.02
N ASP A 131 15.91 19.03 17.95
CA ASP A 131 16.04 20.38 17.42
C ASP A 131 14.79 20.84 16.65
N PHE A 132 13.82 19.92 16.44
CA PHE A 132 12.67 20.16 15.58
C PHE A 132 11.35 19.98 16.31
N GLU A 133 10.34 20.71 15.87
CA GLU A 133 8.96 20.54 16.30
C GLU A 133 8.16 19.85 15.18
N PHE A 134 7.24 18.97 15.57
CA PHE A 134 6.47 18.18 14.61
C PHE A 134 4.99 18.32 14.86
N THR A 135 4.22 18.25 13.78
CA THR A 135 2.79 18.12 13.84
C THR A 135 2.45 16.91 12.95
N LEU A 136 1.79 15.92 13.52
CA LEU A 136 1.25 14.79 12.76
C LEU A 136 -0.28 14.78 12.77
N LYS A 137 -0.86 14.50 11.63
CA LYS A 137 -2.31 14.32 11.51
C LYS A 137 -2.57 13.02 10.74
N VAL A 138 -3.68 12.35 11.03
CA VAL A 138 -4.07 11.21 10.23
C VAL A 138 -5.48 11.26 9.69
N SER A 139 -5.64 10.73 8.47
CA SER A 139 -6.92 10.43 7.89
C SER A 139 -6.90 8.97 7.46
N TYR A 140 -8.08 8.40 7.34
CA TYR A 140 -8.18 6.98 7.00
C TYR A 140 -9.48 6.78 6.24
N LEU A 141 -9.35 6.40 4.98
CA LEU A 141 -10.50 6.22 4.09
C LEU A 141 -10.53 4.82 3.49
N GLU A 142 -11.71 4.39 3.06
CA GLU A 142 -11.81 3.25 2.12
C GLU A 142 -12.56 3.65 0.88
N ILE A 143 -12.22 2.99 -0.22
CA ILE A 143 -12.99 3.08 -1.45
C ILE A 143 -13.80 1.80 -1.57
N TYR A 144 -15.11 1.94 -1.37
CA TYR A 144 -16.05 0.83 -1.27
C TYR A 144 -17.14 1.01 -2.31
N ASN A 145 -17.22 0.08 -3.27
CA ASN A 145 -18.14 0.18 -4.38
C ASN A 145 -18.20 1.62 -4.96
N GLU A 146 -17.05 2.15 -5.35
CA GLU A 146 -17.00 3.46 -6.01
C GLU A 146 -17.31 4.66 -5.10
N GLU A 147 -17.49 4.43 -3.80
CA GLU A 147 -17.66 5.52 -2.83
C GLU A 147 -16.44 5.63 -1.94
N ILE A 148 -16.07 6.87 -1.62
CA ILE A 148 -15.08 7.13 -0.57
C ILE A 148 -15.81 7.23 0.75
N LEU A 149 -15.44 6.38 1.69
CA LEU A 149 -16.01 6.36 3.00
C LEU A 149 -14.93 6.70 4.01
N ASP A 150 -15.28 7.54 4.98
CA ASP A 150 -14.36 7.92 6.04
C ASP A 150 -14.38 6.85 7.13
N LEU A 151 -13.23 6.20 7.36
CA LEU A 151 -13.16 5.15 8.37
C LEU A 151 -13.06 5.68 9.80
N LEU A 152 -12.80 6.98 9.94
CA LEU A 152 -12.79 7.59 11.26
C LEU A 152 -14.18 8.13 11.69
N CYS A 153 -15.23 7.85 10.91
CA CYS A 153 -16.66 8.00 11.34
C CYS A 153 -17.24 6.75 12.04
N SER A 154 -18.00 6.95 13.12
CA SER A 154 -18.55 5.82 13.90
C SER A 154 -19.76 5.22 13.23
N GLN A 161 -21.51 13.01 1.98
CA GLN A 161 -20.67 12.35 0.96
C GLN A 161 -19.32 13.04 0.88
N ILE A 162 -18.34 12.31 0.36
CA ILE A 162 -16.98 12.80 0.21
C ILE A 162 -16.69 12.79 -1.29
N ASN A 163 -16.17 13.92 -1.80
CA ASN A 163 -15.91 14.11 -3.24
C ASN A 163 -14.46 14.47 -3.47
N ILE A 164 -13.92 14.02 -4.60
CA ILE A 164 -12.62 14.50 -5.04
C ILE A 164 -12.81 15.78 -5.85
N ARG A 165 -12.08 16.82 -5.48
CA ARG A 165 -11.89 18.00 -6.33
C ARG A 165 -10.41 18.14 -6.59
N GLU A 166 -10.05 18.44 -7.83
CA GLU A 166 -8.64 18.69 -8.15
C GLU A 166 -8.44 20.19 -8.09
N ASP A 167 -7.75 20.65 -7.05
CA ASP A 167 -7.30 22.04 -6.98
C ASP A 167 -6.34 22.27 -8.15
N PRO A 168 -6.54 23.36 -8.91
CA PRO A 168 -5.64 23.63 -10.05
C PRO A 168 -4.16 23.70 -9.69
N LYS A 169 -3.84 24.32 -8.55
CA LYS A 169 -2.50 24.22 -7.98
C LYS A 169 -2.47 23.09 -6.95
N GLU A 170 -1.42 22.28 -7.01
CA GLU A 170 -1.13 21.27 -5.97
C GLU A 170 -2.15 20.11 -5.82
N GLY A 171 -2.82 19.74 -6.91
CA GLY A 171 -3.42 18.41 -7.02
C GLY A 171 -4.75 18.12 -6.32
N ILE A 172 -4.85 16.89 -5.79
CA ILE A 172 -6.13 16.32 -5.36
C ILE A 172 -6.56 16.76 -3.97
N LYS A 173 -7.85 17.01 -3.81
CA LYS A 173 -8.43 17.38 -2.51
C LYS A 173 -9.68 16.53 -2.24
N ILE A 174 -9.68 15.82 -1.11
CA ILE A 174 -10.79 14.95 -0.76
C ILE A 174 -11.77 15.70 0.14
N VAL A 175 -12.78 16.33 -0.46
CA VAL A 175 -13.61 17.26 0.26
C VAL A 175 -14.54 16.50 1.20
N GLY A 176 -14.50 16.85 2.49
CA GLY A 176 -15.39 16.22 3.49
C GLY A 176 -14.73 15.17 4.37
N LEU A 177 -13.52 14.73 3.98
CA LEU A 177 -12.77 13.74 4.73
C LEU A 177 -12.26 14.37 6.01
N THR A 178 -12.43 13.68 7.13
CA THR A 178 -11.95 14.19 8.42
C THR A 178 -10.52 13.77 8.69
N GLU A 179 -9.86 14.49 9.59
CA GLU A 179 -8.52 14.12 10.04
C GLU A 179 -8.41 14.32 11.54
N LYS A 180 -7.60 13.51 12.19
CA LYS A 180 -7.30 13.68 13.61
C LYS A 180 -5.87 14.14 13.81
N THR A 181 -5.67 15.15 14.66
CA THR A 181 -4.30 15.51 15.00
C THR A 181 -3.81 14.55 16.09
N VAL A 182 -2.61 14.01 15.97
CA VAL A 182 -2.14 13.02 16.93
C VAL A 182 -0.93 13.57 17.67
N LEU A 183 -0.68 13.05 18.86
CA LEU A 183 0.41 13.56 19.69
C LEU A 183 1.52 12.55 19.93
N VAL A 184 1.13 11.33 20.29
CA VAL A 184 2.11 10.27 20.59
C VAL A 184 1.74 8.99 19.82
N ALA A 185 2.61 7.99 19.90
CA ALA A 185 2.37 6.74 19.19
C ALA A 185 1.05 6.10 19.55
N SER A 186 0.68 6.10 20.84
CA SER A 186 -0.49 5.38 21.27
C SER A 186 -1.80 5.88 20.62
N ASP A 187 -1.97 7.20 20.58
CA ASP A 187 -3.20 7.75 19.98
C ASP A 187 -3.17 7.71 18.45
N THR A 188 -1.97 7.69 17.88
CA THR A 188 -1.80 7.51 16.44
C THR A 188 -2.27 6.10 16.04
N VAL A 189 -1.75 5.09 16.71
CA VAL A 189 -2.15 3.74 16.39
C VAL A 189 -3.61 3.46 16.73
N SER A 190 -4.15 4.13 17.76
CA SER A 190 -5.59 4.09 18.04
C SER A 190 -6.44 4.43 16.80
N CYS A 191 -5.99 5.39 16.01
CA CYS A 191 -6.68 5.78 14.77
C CYS A 191 -6.73 4.64 13.76
N LEU A 192 -5.64 3.91 13.67
CA LEU A 192 -5.56 2.70 12.83
C LEU A 192 -6.58 1.69 13.29
N GLU A 193 -6.59 1.43 14.58
CA GLU A 193 -7.52 0.52 15.22
C GLU A 193 -8.98 0.95 14.96
N GLN A 194 -9.27 2.22 15.22
CA GLN A 194 -10.59 2.78 15.00
C GLN A 194 -11.04 2.57 13.55
N GLY A 195 -10.17 2.88 12.60
CA GLY A 195 -10.55 2.76 11.18
C GLY A 195 -10.70 1.31 10.75
N ASN A 196 -9.86 0.46 11.30
CA ASN A 196 -9.92 -0.97 11.00
C ASN A 196 -11.17 -1.63 11.49
N ASN A 197 -11.76 -1.11 12.57
CA ASN A 197 -13.07 -1.58 13.06
C ASN A 197 -14.20 -1.25 12.12
N SER A 198 -13.96 -0.27 11.25
CA SER A 198 -14.97 0.21 10.31
C SER A 198 -14.78 -0.28 8.85
N ARG A 199 -13.59 -0.77 8.55
CA ARG A 199 -13.23 -1.17 7.18
C ARG A 199 -14.11 -2.34 6.78
N THR A 200 -14.64 -2.31 5.56
CA THR A 200 -15.61 -3.30 5.13
C THR A 200 -14.86 -4.58 4.79
N VAL A 201 -15.17 -5.61 5.56
CA VAL A 201 -14.54 -6.92 5.47
C VAL A 201 -15.64 -7.99 5.44
N ALA A 202 -15.45 -9.02 4.65
CA ALA A 202 -16.42 -10.10 4.52
C ALA A 202 -15.77 -11.36 3.99
N SER A 203 -16.46 -12.49 4.14
CA SER A 203 -15.92 -13.76 3.76
C SER A 203 -16.21 -14.11 2.31
N THR A 204 -15.19 -14.70 1.67
CA THR A 204 -15.37 -15.50 0.48
C THR A 204 -14.67 -16.86 0.70
N ALA A 205 -14.81 -17.78 -0.25
CA ALA A 205 -14.10 -19.04 -0.14
C ALA A 205 -12.57 -18.86 -0.21
N MET A 206 -12.11 -17.76 -0.84
CA MET A 206 -10.71 -17.47 -0.99
C MET A 206 -10.07 -16.73 0.21
N ASN A 207 -10.89 -16.03 0.96
CA ASN A 207 -10.43 -15.34 2.17
C ASN A 207 -11.61 -15.04 3.10
N SER A 208 -11.58 -15.68 4.27
CA SER A 208 -12.64 -15.52 5.28
C SER A 208 -12.72 -14.08 5.81
N GLN A 209 -11.62 -13.34 5.63
CA GLN A 209 -11.49 -11.95 6.07
C GLN A 209 -11.04 -11.05 4.90
N SER A 210 -11.71 -11.21 3.79
CA SER A 210 -11.40 -10.43 2.58
C SER A 210 -11.73 -8.97 2.78
N SER A 211 -10.81 -8.11 2.38
CA SER A 211 -11.06 -6.67 2.34
C SER A 211 -11.97 -6.34 1.17
N ARG A 212 -13.13 -5.74 1.42
CA ARG A 212 -14.05 -5.44 0.34
C ARG A 212 -13.92 -4.01 -0.17
N SER A 213 -12.79 -3.38 0.15
CA SER A 213 -12.53 -2.00 -0.18
C SER A 213 -11.03 -1.80 -0.24
N HIS A 214 -10.62 -0.70 -0.88
CA HIS A 214 -9.23 -0.24 -0.89
C HIS A 214 -9.09 0.74 0.25
N ALA A 215 -8.13 0.54 1.15
CA ALA A 215 -7.93 1.50 2.24
C ALA A 215 -6.65 2.26 2.16
N ILE A 216 -6.75 3.54 2.54
CA ILE A 216 -5.62 4.44 2.52
C ILE A 216 -5.54 5.15 3.86
N PHE A 217 -4.48 4.87 4.59
CA PHE A 217 -4.11 5.52 5.86
C PHE A 217 -3.06 6.59 5.54
N THR A 218 -3.37 7.85 5.77
CA THR A 218 -2.43 8.92 5.43
C THR A 218 -1.98 9.63 6.69
N ILE A 219 -0.68 9.74 6.87
CA ILE A 219 -0.12 10.53 7.93
C ILE A 219 0.49 11.79 7.32
N SER A 220 -0.01 12.93 7.77
CA SER A 220 0.54 14.23 7.39
C SER A 220 1.57 14.62 8.45
N ILE A 221 2.77 15.00 8.02
CA ILE A 221 3.86 15.35 8.93
C ILE A 221 4.37 16.73 8.57
N GLU A 222 4.34 17.65 9.53
CA GLU A 222 4.98 18.93 9.38
C GLU A 222 6.15 19.01 10.37
N GLN A 223 7.27 19.53 9.91
CA GLN A 223 8.52 19.54 10.65
C GLN A 223 9.05 20.96 10.54
N ARG A 224 9.41 21.56 11.68
CA ARG A 224 9.97 22.91 11.69
C ARG A 224 11.16 22.93 12.64
N LYS A 225 12.24 23.58 12.24
CA LYS A 225 13.39 23.76 13.13
C LYS A 225 13.04 24.79 14.22
N LYS A 226 13.44 24.52 15.46
CA LYS A 226 13.06 25.41 16.56
C LYS A 226 13.74 26.79 16.49
N ASN A 227 14.96 26.84 15.94
CA ASN A 227 15.68 28.12 15.82
C ASN A 227 15.42 28.88 14.50
N ASP A 228 14.59 28.31 13.64
CA ASP A 228 14.30 28.92 12.33
C ASP A 228 12.88 28.58 11.92
N LYS A 229 11.92 29.23 12.60
CA LYS A 229 10.52 28.79 12.63
C LYS A 229 9.58 29.39 11.58
N ASN A 230 10.11 30.03 10.55
CA ASN A 230 9.29 30.47 9.40
C ASN A 230 9.19 29.34 8.36
N SER A 231 10.27 28.55 8.25
CA SER A 231 10.36 27.50 7.24
C SER A 231 10.05 26.14 7.86
N SER A 232 9.30 25.32 7.13
CA SER A 232 9.01 23.98 7.58
C SER A 232 9.09 23.04 6.38
N PHE A 233 8.98 21.75 6.65
CA PHE A 233 8.65 20.76 5.65
C PHE A 233 7.22 20.29 5.93
N ARG A 234 6.41 20.08 4.90
CA ARG A 234 5.07 19.51 5.05
C ARG A 234 4.89 18.39 4.04
N SER A 235 4.78 17.15 4.51
CA SER A 235 4.65 16.01 3.59
C SER A 235 3.59 15.03 4.07
N LYS A 236 3.35 13.98 3.27
CA LYS A 236 2.30 13.01 3.50
C LYS A 236 2.90 11.62 3.28
N LEU A 237 2.49 10.70 4.13
CA LEU A 237 2.86 9.31 4.03
C LEU A 237 1.55 8.56 3.75
N HIS A 238 1.45 7.94 2.57
CA HIS A 238 0.23 7.18 2.22
C HIS A 238 0.52 5.68 2.40
N LEU A 239 -0.27 5.02 3.23
CA LEU A 239 -0.08 3.59 3.51
C LEU A 239 -1.34 2.88 3.02
N VAL A 240 -1.19 2.12 1.96
CA VAL A 240 -2.30 1.68 1.14
C VAL A 240 -2.43 0.16 1.19
N ASP A 241 -3.60 -0.31 1.67
CA ASP A 241 -3.97 -1.72 1.66
C ASP A 241 -5.08 -1.89 0.59
N LEU A 242 -4.67 -2.18 -0.64
CA LEU A 242 -5.64 -2.31 -1.74
C LEU A 242 -6.50 -3.53 -1.51
N ALA A 243 -7.71 -3.53 -2.06
CA ALA A 243 -8.40 -4.77 -2.31
C ALA A 243 -7.70 -5.55 -3.44
N GLY A 244 -8.05 -6.81 -3.60
CA GLY A 244 -7.34 -7.71 -4.48
C GLY A 244 -8.25 -8.34 -5.51
N SER A 245 -7.69 -8.69 -6.64
CA SER A 245 -8.46 -9.31 -7.72
C SER A 245 -9.11 -10.59 -7.23
N GLU A 246 -10.34 -10.87 -7.68
CA GLU A 246 -10.99 -12.16 -7.36
C GLU A 246 -11.86 -12.67 -8.49
N ARG A 247 -12.11 -13.98 -8.46
CA ARG A 247 -12.78 -14.73 -9.52
C ARG A 247 -13.94 -15.46 -8.90
N GLN A 248 -15.13 -15.24 -9.40
CA GLN A 248 -16.33 -15.83 -8.81
C GLN A 248 -16.23 -17.34 -8.74
N LYS A 249 -15.58 -17.98 -9.71
CA LYS A 249 -15.49 -19.44 -9.70
C LYS A 249 -14.71 -19.93 -8.49
N LYS A 250 -13.79 -19.12 -7.96
CA LYS A 250 -13.02 -19.44 -6.74
C LYS A 250 -13.64 -18.89 -5.48
N THR A 251 -14.21 -17.69 -5.53
CA THR A 251 -14.79 -17.09 -4.34
C THR A 251 -16.15 -17.69 -3.95
N LYS A 252 -16.90 -18.17 -4.96
CA LYS A 252 -18.30 -18.57 -4.81
C LYS A 252 -19.23 -17.44 -4.41
N ALA A 253 -18.80 -16.18 -4.62
CA ALA A 253 -19.58 -15.04 -4.17
C ALA A 253 -20.84 -14.88 -4.96
N GLU A 254 -21.86 -14.37 -4.27
CA GLU A 254 -23.16 -14.07 -4.87
C GLU A 254 -23.62 -12.69 -4.41
N GLY A 255 -24.63 -12.16 -5.07
CA GLY A 255 -25.31 -10.99 -4.56
C GLY A 255 -24.38 -9.82 -4.25
N ASP A 256 -24.55 -9.24 -3.06
CA ASP A 256 -23.80 -8.04 -2.69
C ASP A 256 -22.28 -8.33 -2.67
N ARG A 257 -21.91 -9.53 -2.23
CA ARG A 257 -20.51 -9.92 -2.20
C ARG A 257 -19.89 -9.93 -3.60
N LEU A 258 -20.66 -10.41 -4.57
CA LEU A 258 -20.20 -10.48 -5.95
C LEU A 258 -20.05 -9.08 -6.51
N ARG A 259 -21.00 -8.19 -6.20
CA ARG A 259 -20.95 -6.85 -6.73
C ARG A 259 -19.76 -6.10 -6.15
N GLU A 260 -19.41 -6.41 -4.89
CA GLU A 260 -18.17 -5.91 -4.30
C GLU A 260 -16.93 -6.33 -5.12
N GLY A 261 -16.85 -7.61 -5.45
CA GLY A 261 -15.72 -8.14 -6.22
C GLY A 261 -15.64 -7.53 -7.60
N ILE A 262 -16.79 -7.33 -8.22
CA ILE A 262 -16.85 -6.64 -9.51
C ILE A 262 -16.27 -5.23 -9.40
N ASN A 263 -16.74 -4.47 -8.41
CA ASN A 263 -16.26 -3.12 -8.26
C ASN A 263 -14.76 -3.11 -7.98
N ILE A 264 -14.33 -4.05 -7.18
CA ILE A 264 -12.92 -4.14 -6.82
C ILE A 264 -12.11 -4.45 -8.09
N ASN A 265 -12.52 -5.46 -8.82
CA ASN A 265 -11.79 -5.84 -10.03
C ASN A 265 -11.71 -4.69 -11.03
N ARG A 266 -12.80 -3.94 -11.14
CA ARG A 266 -12.86 -2.86 -12.12
C ARG A 266 -11.87 -1.77 -11.77
N GLY A 267 -11.82 -1.41 -10.49
CA GLY A 267 -10.83 -0.47 -9.99
C GLY A 267 -9.42 -0.94 -10.20
N LEU A 268 -9.15 -2.21 -9.96
CA LEU A 268 -7.79 -2.76 -10.17
C LEU A 268 -7.35 -2.83 -11.63
N LEU A 269 -8.32 -3.01 -12.54
CA LEU A 269 -8.06 -2.83 -13.99
C LEU A 269 -7.61 -1.42 -14.29
N CYS A 270 -8.30 -0.42 -13.72
CA CYS A 270 -7.90 0.97 -13.92
C CYS A 270 -6.49 1.18 -13.39
N LEU A 271 -6.17 0.57 -12.24
CA LEU A 271 -4.81 0.67 -11.69
C LEU A 271 -3.78 0.02 -12.61
N GLY A 272 -4.07 -1.16 -13.16
CA GLY A 272 -3.19 -1.80 -14.13
C GLY A 272 -2.96 -0.93 -15.34
N ASN A 273 -4.00 -0.23 -15.78
CA ASN A 273 -3.90 0.68 -16.93
C ASN A 273 -2.93 1.82 -16.66
N VAL A 274 -2.99 2.34 -15.43
CA VAL A 274 -2.11 3.40 -14.99
C VAL A 274 -0.69 2.90 -14.89
N ILE A 275 -0.50 1.72 -14.29
CA ILE A 275 0.85 1.17 -14.17
C ILE A 275 1.45 0.93 -15.55
N SER A 276 0.67 0.39 -16.46
CA SER A 276 1.16 0.11 -17.80
C SER A 276 1.53 1.36 -18.59
N ALA A 277 0.69 2.40 -18.53
CA ALA A 277 0.98 3.70 -19.18
C ALA A 277 2.26 4.32 -18.62
N LEU A 278 2.43 4.25 -17.30
CA LEU A 278 3.59 4.86 -16.66
C LEU A 278 4.86 4.08 -16.89
N GLY A 279 4.73 2.78 -17.08
CA GLY A 279 5.89 1.91 -17.25
C GLY A 279 6.54 2.12 -18.58
N ASP A 280 5.87 2.88 -19.47
CA ASP A 280 6.37 3.17 -20.78
C ASP A 280 6.13 4.66 -21.07
N ASP A 281 6.56 5.52 -20.14
CA ASP A 281 6.22 6.94 -20.16
C ASP A 281 7.22 7.78 -20.96
N LYS A 282 6.71 8.86 -21.53
CA LYS A 282 7.53 9.79 -22.31
C LYS A 282 6.73 11.04 -22.61
N LYS A 283 7.40 12.01 -23.24
CA LYS A 283 6.77 13.27 -23.57
C LYS A 283 5.53 13.01 -24.39
N GLY A 284 4.42 13.62 -23.99
CA GLY A 284 3.15 13.51 -24.69
C GLY A 284 2.32 12.25 -24.36
N ASN A 285 2.81 11.41 -23.47
CA ASN A 285 2.08 10.22 -23.06
C ASN A 285 0.81 10.64 -22.28
N PHE A 286 -0.16 9.74 -22.21
CA PHE A 286 -1.31 9.93 -21.41
C PHE A 286 -1.46 8.80 -20.42
N VAL A 287 -1.73 9.18 -19.18
CA VAL A 287 -1.88 8.21 -18.08
C VAL A 287 -3.31 8.37 -17.53
N PRO A 288 -4.11 7.29 -17.56
CA PRO A 288 -5.54 7.36 -17.25
C PRO A 288 -5.86 7.33 -15.74
N TYR A 289 -5.25 8.24 -15.02
CA TYR A 289 -5.55 8.40 -13.59
C TYR A 289 -7.04 8.64 -13.34
N ARG A 290 -7.67 9.41 -14.22
CA ARG A 290 -9.07 9.83 -14.04
C ARG A 290 -10.12 8.72 -14.08
N ASP A 291 -9.76 7.51 -14.56
CA ASP A 291 -10.73 6.39 -14.78
C ASP A 291 -11.37 5.90 -13.46
N SER A 292 -10.68 6.06 -12.35
CA SER A 292 -11.24 5.63 -11.06
C SER A 292 -10.86 6.53 -9.91
N LYS A 293 -11.63 6.44 -8.82
CA LYS A 293 -11.32 7.24 -7.65
C LYS A 293 -10.01 6.74 -7.05
N LEU A 294 -9.79 5.43 -7.08
CA LEU A 294 -8.52 4.87 -6.61
C LEU A 294 -7.31 5.48 -7.31
N THR A 295 -7.32 5.49 -8.64
CA THR A 295 -6.16 5.97 -9.38
C THR A 295 -5.97 7.50 -9.30
N ARG A 296 -7.07 8.22 -9.12
CA ARG A 296 -6.97 9.64 -8.79
C ARG A 296 -6.23 9.91 -7.48
N LEU A 297 -6.50 9.11 -6.46
CA LEU A 297 -5.83 9.31 -5.17
C LEU A 297 -4.37 8.86 -5.16
N LEU A 298 -4.01 8.03 -6.14
CA LEU A 298 -2.64 7.55 -6.29
C LEU A 298 -1.81 8.32 -7.34
N GLN A 299 -2.30 9.48 -7.78
CA GLN A 299 -1.56 10.26 -8.78
C GLN A 299 -0.13 10.68 -8.45
N ASP A 300 0.12 11.16 -7.23
CA ASP A 300 1.50 11.42 -6.81
C ASP A 300 2.30 10.16 -6.50
N SER A 301 1.63 9.19 -5.88
CA SER A 301 2.25 7.91 -5.53
C SER A 301 2.86 7.18 -6.74
N LEU A 302 2.16 7.27 -7.86
CA LEU A 302 2.59 6.57 -9.07
C LEU A 302 2.80 7.60 -10.18
N GLY A 303 4.07 7.92 -10.41
CA GLY A 303 4.48 8.90 -11.44
C GLY A 303 4.71 10.33 -10.99
N GLY A 304 4.50 10.61 -9.70
CA GLY A 304 4.50 11.98 -9.18
C GLY A 304 5.38 12.22 -7.97
N ASN A 305 4.93 13.15 -7.11
CA ASN A 305 5.74 13.64 -6.03
C ASN A 305 5.74 12.71 -4.82
N SER A 306 6.49 11.61 -4.93
CA SER A 306 6.50 10.58 -3.89
C SER A 306 7.65 9.58 -4.07
N HIS A 307 8.23 9.15 -2.96
CA HIS A 307 9.08 7.96 -2.96
C HIS A 307 8.10 6.83 -2.67
N THR A 308 8.04 5.85 -3.56
CA THR A 308 7.03 4.81 -3.48
C THR A 308 7.60 3.39 -3.49
N LEU A 309 7.08 2.58 -2.58
CA LEU A 309 7.31 1.15 -2.58
C LEU A 309 6.01 0.37 -2.78
N MET A 310 6.01 -0.52 -3.77
CA MET A 310 4.93 -1.49 -3.92
C MET A 310 5.39 -2.79 -3.26
N ILE A 311 4.53 -3.31 -2.39
CA ILE A 311 4.72 -4.65 -1.84
C ILE A 311 3.76 -5.53 -2.65
N ALA A 312 4.30 -6.25 -3.61
CA ALA A 312 3.50 -7.12 -4.46
C ALA A 312 3.40 -8.47 -3.77
N CYS A 313 2.19 -8.88 -3.42
CA CYS A 313 1.95 -10.07 -2.58
C CYS A 313 1.48 -11.19 -3.48
N VAL A 314 2.09 -12.37 -3.31
CA VAL A 314 1.72 -13.55 -4.07
C VAL A 314 1.55 -14.80 -3.20
N SER A 315 0.66 -15.67 -3.65
CA SER A 315 0.57 -17.04 -3.18
C SER A 315 1.59 -17.89 -3.93
N PRO A 316 2.21 -18.88 -3.25
CA PRO A 316 3.10 -19.84 -3.88
C PRO A 316 2.40 -21.03 -4.56
N ALA A 317 1.10 -21.13 -4.39
CA ALA A 317 0.34 -22.31 -4.83
C ALA A 317 0.15 -22.39 -6.34
N ASP A 318 0.37 -23.57 -6.92
CA ASP A 318 0.18 -23.77 -8.34
C ASP A 318 -1.25 -23.48 -8.85
N SER A 319 -2.29 -23.65 -8.02
CA SER A 319 -3.67 -23.33 -8.41
C SER A 319 -3.88 -21.82 -8.68
N ASN A 320 -2.96 -21.01 -8.17
CA ASN A 320 -2.95 -19.57 -8.38
C ASN A 320 -1.89 -19.07 -9.38
N LEU A 321 -1.37 -19.95 -10.23
CA LEU A 321 -0.33 -19.56 -11.19
C LEU A 321 -0.72 -18.39 -12.07
N GLU A 322 -1.93 -18.40 -12.61
CA GLU A 322 -2.37 -17.36 -13.53
C GLU A 322 -2.39 -16.04 -12.82
N GLU A 323 -2.97 -16.02 -11.61
CA GLU A 323 -3.08 -14.78 -10.83
C GLU A 323 -1.72 -14.25 -10.40
N THR A 324 -0.86 -15.16 -9.96
CA THR A 324 0.49 -14.82 -9.56
C THR A 324 1.28 -14.25 -10.72
N LEU A 325 1.19 -14.87 -11.88
CA LEU A 325 1.84 -14.33 -13.08
C LEU A 325 1.40 -12.91 -13.38
N ASN A 326 0.10 -12.66 -13.24
CA ASN A 326 -0.43 -11.33 -13.46
C ASN A 326 0.18 -10.30 -12.51
N THR A 327 0.22 -10.63 -11.22
CA THR A 327 0.86 -9.77 -10.24
C THR A 327 2.33 -9.54 -10.56
N LEU A 328 3.05 -10.60 -10.89
CA LEU A 328 4.48 -10.47 -11.23
C LEU A 328 4.69 -9.57 -12.44
N ARG A 329 3.82 -9.68 -13.42
CA ARG A 329 3.93 -8.86 -14.63
C ARG A 329 3.67 -7.42 -14.32
N TYR A 330 2.65 -7.12 -13.53
CA TYR A 330 2.36 -5.74 -13.20
C TYR A 330 3.39 -5.16 -12.23
N ALA A 331 3.93 -6.00 -11.37
CA ALA A 331 5.00 -5.60 -10.45
C ALA A 331 6.29 -5.25 -11.23
N ASP A 332 6.59 -6.05 -12.26
CA ASP A 332 7.69 -5.75 -13.18
C ASP A 332 7.50 -4.41 -13.91
N ARG A 333 6.30 -4.16 -14.44
CA ARG A 333 5.96 -2.85 -15.02
C ARG A 333 6.08 -1.69 -14.05
N ALA A 334 5.63 -1.89 -12.81
CA ALA A 334 5.69 -0.86 -11.79
C ALA A 334 7.12 -0.34 -11.58
N ARG A 335 8.11 -1.23 -11.69
CA ARG A 335 9.51 -0.82 -11.52
C ARG A 335 10.03 0.13 -12.57
N LYS A 336 9.33 0.25 -13.69
CA LYS A 336 9.72 1.14 -14.77
C LYS A 336 9.08 2.51 -14.65
N ILE A 337 8.20 2.68 -13.66
CA ILE A 337 7.55 3.95 -13.35
C ILE A 337 8.61 4.87 -12.72
N LYS A 338 8.69 6.11 -13.22
CA LYS A 338 9.64 7.09 -12.71
C LYS A 338 8.87 8.14 -11.93
N ASN A 339 9.23 8.28 -10.65
CA ASN A 339 8.64 9.29 -9.83
C ASN A 339 9.51 10.56 -9.73
N LYS A 340 8.93 11.64 -9.20
CA LYS A 340 9.65 12.90 -9.02
C LYS A 340 9.45 13.51 -7.64
N PRO A 341 9.92 12.81 -6.59
CA PRO A 341 9.79 13.32 -5.23
C PRO A 341 10.69 14.52 -5.01
N ILE A 342 10.10 15.60 -4.51
CA ILE A 342 10.88 16.77 -4.13
C ILE A 342 10.78 17.01 -2.65
N ILE A 343 11.65 17.87 -2.16
CA ILE A 343 11.57 18.31 -0.77
C ILE A 343 10.45 19.32 -0.65
N ASN A 344 9.51 19.01 0.26
CA ASN A 344 8.27 19.77 0.34
C ASN A 344 8.36 20.94 1.34
N HIS A 345 9.10 21.95 0.91
CA HIS A 345 9.31 23.16 1.71
C HIS A 345 8.04 23.94 1.82
N HIS A 346 7.84 24.58 2.97
CA HIS A 346 6.73 25.52 3.16
C HIS A 346 7.34 26.75 3.82
N HIS A 347 6.98 27.94 3.36
CA HIS A 347 7.51 29.19 3.96
C HIS A 347 6.42 30.23 4.15
MG MG B . -7.15 -7.65 2.52
PG ANP C . -8.06 -9.63 0.18
O1G ANP C . -9.24 -10.56 0.11
O2G ANP C . -7.77 -9.00 -1.22
O3G ANP C . -8.30 -8.52 1.15
PB ANP C . -5.33 -10.10 1.29
O1B ANP C . -4.20 -10.12 0.28
O2B ANP C . -5.50 -8.84 2.15
N3B ANP C . -6.75 -10.57 0.56
PA ANP C . -4.79 -11.29 3.85
O1A ANP C . -3.65 -10.39 4.15
O2A ANP C . -6.15 -11.13 4.49
O3A ANP C . -4.99 -11.38 2.24
O5' ANP C . -4.22 -12.79 4.08
C5' ANP C . -5.01 -13.96 3.85
C4' ANP C . -4.70 -14.99 4.95
O4' ANP C . -3.36 -15.43 4.77
C3' ANP C . -4.81 -14.39 6.33
O3' ANP C . -5.46 -15.34 7.22
C2' ANP C . -3.39 -14.13 6.73
O2' ANP C . -3.21 -14.13 8.17
C1' ANP C . -2.60 -15.18 5.96
N9 ANP C . -1.27 -14.70 5.56
C8 ANP C . -1.03 -13.73 4.66
N7 ANP C . 0.27 -13.50 4.54
C5 ANP C . 0.91 -14.33 5.41
C6 ANP C . 2.31 -14.59 5.79
N6 ANP C . 3.33 -13.93 5.23
N1 ANP C . 2.56 -15.52 6.75
C2 ANP C . 1.57 -16.20 7.34
N3 ANP C . 0.26 -16.02 7.02
C4 ANP C . -0.09 -15.09 6.09
#